data_6Y4K
#
_entry.id   6Y4K
#
_cell.length_a   225.852
_cell.length_b   225.852
_cell.length_c   72.963
_cell.angle_alpha   90.000
_cell.angle_beta   90.000
_cell.angle_gamma   120.000
#
_symmetry.space_group_name_H-M   'P 63 2 2'
#
loop_
_entity.id
_entity.type
_entity.pdbx_description
1 polymer '14-3-3 protein gamma'
2 polymer 'Calcium/calmodulin-dependent protein kinase kinase 2'
3 non-polymer FUSICOCCIN
#
loop_
_entity_poly.entity_id
_entity_poly.type
_entity_poly.pdbx_seq_one_letter_code
_entity_poly.pdbx_strand_id
1 'polypeptide(L)'
;GHMVDREQLVQKARLAEQAERYDDMAAAMKNVTELNEPLSNEERNLLSVAYKNVVGARRSSWRVISSIEQKTSADGNEKK
IEMVRAYREKIEKELEAVCQDVLSLLDNYLIKNCSETQYESKVFYLKMKGDYYRYLAEVATGEKRATVVESSEKAYSEAH
EISKEHMQPTHPIRLGLALNYSVFYYEIQNAPEQACHLAKTAFDDAIAELDTLNEDSYKDSTLIMQLLRDNLTLWT
;
A,B
2 'polypeptide(L)' RKL(SEP)LQER E,F
#
loop_
_chem_comp.id
_chem_comp.type
_chem_comp.name
_chem_comp.formula
FSC non-polymer FUSICOCCIN 'C36 H56 O12'
#
# COMPACT_ATOMS: atom_id res chain seq x y z
N ASP A 5 25.64 10.11 0.05
CA ASP A 5 26.20 9.27 -1.02
C ASP A 5 25.12 8.40 -1.65
N ARG A 6 25.15 8.31 -2.99
CA ARG A 6 24.16 7.53 -3.71
C ARG A 6 24.28 6.03 -3.44
N GLU A 7 25.47 5.56 -3.04
CA GLU A 7 25.67 4.14 -2.80
C GLU A 7 24.72 3.63 -1.73
N GLN A 8 24.46 4.44 -0.71
CA GLN A 8 23.51 4.08 0.34
C GLN A 8 22.10 4.56 0.05
N LEU A 9 21.94 5.58 -0.81
CA LEU A 9 20.60 6.01 -1.20
C LEU A 9 19.90 4.93 -2.02
N VAL A 10 20.63 4.30 -2.95
CA VAL A 10 20.04 3.20 -3.72
C VAL A 10 19.72 2.02 -2.81
N GLN A 11 20.53 1.79 -1.78
CA GLN A 11 20.23 0.73 -0.83
C GLN A 11 19.00 1.06 0.00
N LYS A 12 18.83 2.34 0.36
CA LYS A 12 17.61 2.77 1.04
C LYS A 12 16.39 2.55 0.15
N ALA A 13 16.52 2.84 -1.15
CA ALA A 13 15.42 2.61 -2.07
C ALA A 13 15.09 1.13 -2.17
N ARG A 14 16.13 0.28 -2.21
CA ARG A 14 15.89 -1.16 -2.25
C ARG A 14 15.23 -1.65 -0.97
N LEU A 15 15.65 -1.11 0.17
CA LEU A 15 15.02 -1.47 1.44
C LEU A 15 13.57 -1.03 1.49
N ALA A 16 13.27 0.14 0.94
CA ALA A 16 11.88 0.59 0.88
C ALA A 16 11.05 -0.29 -0.06
N GLU A 17 11.63 -0.71 -1.18
CA GLU A 17 10.96 -1.65 -2.07
C GLU A 17 10.64 -2.95 -1.34
N GLN A 18 11.61 -3.47 -0.60
CA GLN A 18 11.36 -4.65 0.23
C GLN A 18 10.30 -4.38 1.29
N ALA A 19 10.23 -3.14 1.78
CA ALA A 19 9.29 -2.74 2.80
C ALA A 19 7.95 -2.29 2.23
N GLU A 20 7.81 -2.27 0.90
CA GLU A 20 6.57 -1.85 0.23
C GLU A 20 6.16 -0.44 0.62
N ARG A 21 7.12 0.38 1.04
CA ARG A 21 6.90 1.81 1.28
C ARG A 21 7.35 2.54 0.03
N TYR A 22 6.52 2.46 -1.02
CA TYR A 22 6.90 2.94 -2.34
C TYR A 22 7.11 4.45 -2.39
N ASP A 23 6.49 5.19 -1.47
CA ASP A 23 6.75 6.63 -1.39
C ASP A 23 8.20 6.90 -1.02
N ASP A 24 8.71 6.18 -0.01
CA ASP A 24 10.10 6.36 0.41
C ASP A 24 11.07 5.94 -0.68
N MET A 25 10.77 4.85 -1.39
CA MET A 25 11.65 4.41 -2.47
C MET A 25 11.65 5.41 -3.61
N ALA A 26 10.48 5.92 -3.99
CA ALA A 26 10.40 6.95 -5.02
C ALA A 26 11.16 8.21 -4.59
N ALA A 27 11.11 8.54 -3.29
CA ALA A 27 11.85 9.71 -2.82
C ALA A 27 13.35 9.50 -2.89
N ALA A 28 13.82 8.32 -2.48
CA ALA A 28 15.25 8.02 -2.58
C ALA A 28 15.73 8.05 -4.02
N MET A 29 14.95 7.45 -4.94
CA MET A 29 15.32 7.49 -6.34
C MET A 29 15.25 8.89 -6.92
N LYS A 30 14.31 9.71 -6.44
CA LYS A 30 14.27 11.12 -6.84
C LYS A 30 15.54 11.84 -6.40
N ASN A 31 16.03 11.52 -5.20
CA ASN A 31 17.29 12.11 -4.75
C ASN A 31 18.45 11.67 -5.64
N VAL A 32 18.53 10.38 -5.95
CA VAL A 32 19.67 9.90 -6.72
C VAL A 32 19.63 10.42 -8.15
N THR A 33 18.45 10.68 -8.71
CA THR A 33 18.40 11.28 -10.03
C THR A 33 18.58 12.79 -9.98
N GLU A 34 18.26 13.44 -8.86
CA GLU A 34 18.57 14.85 -8.69
C GLU A 34 20.05 15.09 -8.47
N LEU A 35 20.80 14.04 -8.08
CA LEU A 35 22.25 14.17 -7.98
C LEU A 35 22.95 14.35 -9.33
N ASN A 36 22.19 14.40 -10.42
CA ASN A 36 22.65 14.72 -11.78
C ASN A 36 23.58 13.68 -12.38
N GLU A 37 23.88 12.59 -11.68
CA GLU A 37 24.68 11.55 -12.30
C GLU A 37 23.77 10.61 -13.08
N PRO A 38 24.24 10.08 -14.21
CA PRO A 38 23.41 9.17 -15.01
C PRO A 38 22.99 7.96 -14.21
N LEU A 39 21.88 7.35 -14.64
CA LEU A 39 21.22 6.29 -13.90
C LEU A 39 21.51 4.94 -14.53
N SER A 40 21.94 3.98 -13.70
CA SER A 40 22.10 2.61 -14.16
C SER A 40 20.75 2.04 -14.58
N ASN A 41 20.81 0.96 -15.36
CA ASN A 41 19.58 0.34 -15.85
C ASN A 41 18.75 -0.22 -14.70
N GLU A 42 19.40 -0.80 -13.69
CA GLU A 42 18.65 -1.29 -12.54
C GLU A 42 18.15 -0.15 -11.66
N GLU A 43 18.94 0.93 -11.54
CA GLU A 43 18.44 2.12 -10.87
C GLU A 43 17.32 2.77 -11.67
N ARG A 44 17.45 2.75 -13.00
CA ARG A 44 16.37 3.16 -13.89
C ARG A 44 15.08 2.44 -13.54
N ASN A 45 15.13 1.11 -13.48
CA ASN A 45 13.95 0.31 -13.18
C ASN A 45 13.44 0.58 -11.77
N LEU A 46 14.36 0.74 -10.81
CA LEU A 46 13.98 1.08 -9.44
C LEU A 46 13.10 2.33 -9.42
N LEU A 47 13.62 3.43 -9.97
CA LEU A 47 12.87 4.68 -10.00
C LEU A 47 11.56 4.52 -10.75
N SER A 48 11.60 3.86 -11.91
CA SER A 48 10.41 3.71 -12.74
C SER A 48 9.29 3.02 -11.98
N VAL A 49 9.56 1.82 -11.45
CA VAL A 49 8.49 1.07 -10.82
C VAL A 49 8.11 1.67 -9.47
N ALA A 50 9.05 2.32 -8.77
CA ALA A 50 8.70 3.01 -7.53
C ALA A 50 7.66 4.10 -7.80
N TYR A 51 7.96 5.00 -8.74
CA TYR A 51 7.05 6.10 -8.99
C TYR A 51 5.76 5.60 -9.63
N LYS A 52 5.82 4.53 -10.42
CA LYS A 52 4.61 4.03 -11.05
C LYS A 52 3.70 3.35 -10.02
N ASN A 53 4.27 2.66 -9.03
CA ASN A 53 3.48 2.18 -7.91
C ASN A 53 2.83 3.32 -7.16
N VAL A 54 3.62 4.38 -6.88
CA VAL A 54 3.11 5.52 -6.12
C VAL A 54 1.91 6.14 -6.83
N VAL A 55 2.02 6.34 -8.14
CA VAL A 55 0.91 6.98 -8.86
C VAL A 55 -0.22 6.00 -9.12
N GLY A 56 0.07 4.69 -9.28
CA GLY A 56 -0.98 3.73 -9.56
C GLY A 56 -1.87 3.46 -8.38
N ALA A 57 -1.34 3.60 -7.15
CA ALA A 57 -2.20 3.53 -5.97
C ALA A 57 -3.31 4.58 -6.06
N ARG A 58 -2.92 5.84 -6.28
CA ARG A 58 -3.89 6.92 -6.40
C ARG A 58 -4.75 6.74 -7.65
N ARG A 59 -4.21 6.14 -8.71
CA ARG A 59 -5.01 5.86 -9.90
C ARG A 59 -6.16 4.91 -9.56
N SER A 60 -5.85 3.84 -8.83
CA SER A 60 -6.87 2.87 -8.46
C SER A 60 -7.92 3.48 -7.52
N SER A 61 -7.45 4.23 -6.52
CA SER A 61 -8.40 4.85 -5.59
C SER A 61 -9.28 5.88 -6.31
N TRP A 62 -8.69 6.67 -7.20
CA TRP A 62 -9.47 7.61 -8.02
C TRP A 62 -10.50 6.86 -8.84
N ARG A 63 -10.11 5.73 -9.44
CA ARG A 63 -11.04 4.94 -10.23
C ARG A 63 -12.24 4.51 -9.40
N VAL A 64 -11.99 3.97 -8.20
CA VAL A 64 -13.10 3.44 -7.41
C VAL A 64 -14.03 4.56 -6.93
N ILE A 65 -13.44 5.65 -6.40
CA ILE A 65 -14.29 6.69 -5.82
C ILE A 65 -14.89 7.63 -6.86
N SER A 66 -14.44 7.55 -8.11
CA SER A 66 -15.14 8.24 -9.19
C SER A 66 -16.16 7.34 -9.87
N SER A 67 -15.93 6.03 -9.88
CA SER A 67 -16.93 5.10 -10.39
C SER A 67 -18.18 5.13 -9.51
N ILE A 68 -18.00 5.12 -8.18
CA ILE A 68 -19.17 5.19 -7.31
C ILE A 68 -19.83 6.57 -7.41
N GLU A 69 -19.05 7.62 -7.71
CA GLU A 69 -19.62 8.95 -7.88
C GLU A 69 -20.47 9.02 -9.15
N GLN A 70 -20.01 8.40 -10.23
CA GLN A 70 -20.82 8.34 -11.44
C GLN A 70 -22.02 7.41 -11.27
N LYS A 71 -21.91 6.44 -10.36
CA LYS A 71 -23.04 5.55 -10.10
C LYS A 71 -24.19 6.28 -9.42
N THR A 72 -23.88 7.26 -8.57
CA THR A 72 -24.92 8.03 -7.89
C THR A 72 -24.98 9.46 -8.43
N GLU A 78 -27.51 13.18 -1.71
CA GLU A 78 -27.59 14.55 -2.19
C GLU A 78 -26.47 15.40 -1.61
N LYS A 79 -26.26 15.26 -0.31
CA LYS A 79 -25.18 15.99 0.37
C LYS A 79 -23.87 15.20 0.40
N LYS A 80 -23.93 13.87 0.24
CA LYS A 80 -22.71 13.06 0.23
C LYS A 80 -22.03 13.09 -1.13
N ILE A 81 -22.78 13.33 -2.21
CA ILE A 81 -22.17 13.39 -3.53
C ILE A 81 -21.22 14.57 -3.64
N GLU A 82 -21.53 15.69 -2.96
CA GLU A 82 -20.59 16.80 -2.92
C GLU A 82 -19.29 16.37 -2.25
N MET A 83 -19.38 15.59 -1.18
CA MET A 83 -18.17 15.16 -0.48
C MET A 83 -17.37 14.17 -1.30
N VAL A 84 -18.04 13.28 -2.04
CA VAL A 84 -17.30 12.35 -2.87
C VAL A 84 -16.66 13.07 -4.06
N ARG A 85 -17.29 14.13 -4.56
CA ARG A 85 -16.65 14.95 -5.59
C ARG A 85 -15.43 15.67 -5.03
N ALA A 86 -15.55 16.20 -3.80
CA ALA A 86 -14.40 16.84 -3.15
C ALA A 86 -13.27 15.85 -2.92
N TYR A 87 -13.60 14.61 -2.57
CA TYR A 87 -12.59 13.57 -2.37
C TYR A 87 -11.91 13.19 -3.68
N ARG A 88 -12.70 13.09 -4.76
CA ARG A 88 -12.13 12.81 -6.07
C ARG A 88 -11.17 13.90 -6.49
N GLU A 89 -11.57 15.16 -6.33
CA GLU A 89 -10.65 16.26 -6.61
C GLU A 89 -9.43 16.25 -5.69
N LYS A 90 -9.63 15.83 -4.44
CA LYS A 90 -8.53 15.81 -3.47
C LYS A 90 -7.44 14.83 -3.91
N ILE A 91 -7.83 13.62 -4.31
CA ILE A 91 -6.80 12.67 -4.75
C ILE A 91 -6.39 12.91 -6.20
N GLU A 92 -7.20 13.65 -6.97
CA GLU A 92 -6.79 14.07 -8.30
C GLU A 92 -5.64 15.07 -8.23
N LYS A 93 -5.72 16.00 -7.29
CA LYS A 93 -4.64 16.96 -7.06
C LYS A 93 -3.39 16.31 -6.48
N GLU A 94 -3.48 15.05 -6.06
CA GLU A 94 -2.34 14.25 -5.63
C GLU A 94 -1.73 13.48 -6.80
N LEU A 95 -2.60 12.84 -7.59
CA LEU A 95 -2.16 12.14 -8.79
C LEU A 95 -1.45 13.09 -9.75
N GLU A 96 -2.05 14.25 -10.02
CA GLU A 96 -1.42 15.22 -10.90
C GLU A 96 -0.10 15.71 -10.31
N ALA A 97 -0.04 15.86 -8.99
CA ALA A 97 1.18 16.34 -8.34
C ALA A 97 2.33 15.36 -8.57
N VAL A 98 2.10 14.08 -8.27
CA VAL A 98 3.17 13.10 -8.44
C VAL A 98 3.53 12.95 -9.92
N CYS A 99 2.52 13.01 -10.79
CA CYS A 99 2.78 12.92 -12.22
C CYS A 99 3.72 14.03 -12.68
N GLN A 100 3.39 15.28 -12.35
CA GLN A 100 4.24 16.40 -12.77
C GLN A 100 5.60 16.36 -12.10
N ASP A 101 5.67 15.88 -10.85
CA ASP A 101 6.96 15.70 -10.19
C ASP A 101 7.87 14.81 -11.02
N VAL A 102 7.40 13.62 -11.38
CA VAL A 102 8.25 12.72 -12.14
C VAL A 102 8.44 13.24 -13.57
N LEU A 103 7.51 14.03 -14.08
CA LEU A 103 7.67 14.57 -15.43
C LEU A 103 8.80 15.58 -15.50
N SER A 104 8.88 16.47 -14.51
CA SER A 104 10.00 17.40 -14.47
C SER A 104 11.30 16.72 -14.05
N LEU A 105 11.20 15.62 -13.30
CA LEU A 105 12.37 14.77 -13.08
C LEU A 105 12.88 14.18 -14.39
N LEU A 106 11.96 13.88 -15.32
CA LEU A 106 12.34 13.36 -16.63
C LEU A 106 12.81 14.46 -17.57
N ASP A 107 12.37 15.70 -17.35
CA ASP A 107 12.76 16.78 -18.24
C ASP A 107 14.07 17.44 -17.83
N ASN A 108 14.18 17.84 -16.56
CA ASN A 108 15.41 18.50 -16.10
C ASN A 108 16.57 17.51 -15.99
N TYR A 109 16.27 16.25 -15.64
CA TYR A 109 17.26 15.19 -15.58
C TYR A 109 16.81 14.04 -16.47
N LEU A 110 17.68 13.04 -16.61
CA LEU A 110 17.36 11.74 -17.19
C LEU A 110 17.17 11.79 -18.71
N ILE A 111 17.09 12.97 -19.30
CA ILE A 111 16.94 13.13 -20.74
C ILE A 111 17.99 14.02 -21.33
N LYS A 112 18.24 15.18 -20.68
CA LYS A 112 19.37 16.00 -21.05
C LYS A 112 20.70 15.32 -20.74
N ASN A 113 20.67 14.26 -19.94
CA ASN A 113 21.87 13.56 -19.51
C ASN A 113 22.10 12.25 -20.29
N CYS A 114 21.64 12.19 -21.53
CA CYS A 114 21.86 11.03 -22.38
C CYS A 114 22.26 11.50 -23.77
N SER A 115 23.45 11.15 -24.20
CA SER A 115 23.96 11.56 -25.51
C SER A 115 23.32 10.70 -26.59
N GLU A 116 23.82 10.83 -27.82
CA GLU A 116 23.26 10.06 -28.92
C GLU A 116 23.53 8.57 -28.78
N THR A 117 24.62 8.20 -28.10
CA THR A 117 25.01 6.81 -27.95
C THR A 117 24.21 6.07 -26.88
N GLN A 118 23.13 6.65 -26.38
CA GLN A 118 22.34 6.11 -25.28
C GLN A 118 20.87 6.01 -25.67
N TYR A 119 20.59 5.43 -26.83
CA TYR A 119 19.22 5.33 -27.33
C TYR A 119 18.31 4.61 -26.34
N GLU A 120 18.79 3.51 -25.75
CA GLU A 120 17.98 2.68 -24.88
C GLU A 120 17.42 3.48 -23.70
N SER A 121 18.31 4.07 -22.90
CA SER A 121 17.88 4.84 -21.75
C SER A 121 16.94 5.97 -22.18
N LYS A 122 17.24 6.60 -23.31
CA LYS A 122 16.42 7.73 -23.74
C LYS A 122 14.98 7.26 -24.00
N VAL A 123 14.79 6.24 -24.83
CA VAL A 123 13.42 5.79 -25.11
C VAL A 123 12.75 5.24 -23.85
N PHE A 124 13.54 4.68 -22.93
CA PHE A 124 13.01 4.34 -21.60
C PHE A 124 12.33 5.55 -20.97
N TYR A 125 13.09 6.64 -20.82
CA TYR A 125 12.56 7.83 -20.17
C TYR A 125 11.45 8.49 -20.97
N LEU A 126 11.49 8.40 -22.31
CA LEU A 126 10.43 8.98 -23.13
C LEU A 126 9.13 8.19 -23.00
N LYS A 127 9.23 6.86 -22.90
CA LYS A 127 8.04 6.08 -22.61
C LYS A 127 7.51 6.40 -21.23
N MET A 128 8.41 6.64 -20.26
CA MET A 128 7.97 7.12 -18.95
C MET A 128 7.18 8.42 -19.08
N LYS A 129 7.72 9.38 -19.83
CA LYS A 129 7.07 10.67 -20.03
C LYS A 129 5.69 10.49 -20.66
N GLY A 130 5.62 9.69 -21.72
CA GLY A 130 4.34 9.44 -22.36
C GLY A 130 3.34 8.78 -21.43
N ASP A 131 3.80 7.83 -20.62
CA ASP A 131 2.91 7.14 -19.68
C ASP A 131 2.35 8.11 -18.66
N TYR A 132 3.20 8.95 -18.09
CA TYR A 132 2.72 9.87 -17.05
C TYR A 132 1.83 10.96 -17.63
N TYR A 133 2.11 11.41 -18.86
CA TYR A 133 1.19 12.35 -19.50
C TYR A 133 -0.14 11.69 -19.84
N ARG A 134 -0.12 10.40 -20.19
CA ARG A 134 -1.37 9.67 -20.39
C ARG A 134 -2.16 9.57 -19.10
N TYR A 135 -1.47 9.34 -17.98
CA TYR A 135 -2.14 9.29 -16.68
C TYR A 135 -2.74 10.65 -16.33
N LEU A 136 -2.04 11.73 -16.69
CA LEU A 136 -2.61 13.06 -16.51
C LEU A 136 -3.86 13.25 -17.37
N ALA A 137 -3.81 12.79 -18.62
CA ALA A 137 -4.96 12.92 -19.51
C ALA A 137 -6.14 12.05 -19.07
N GLU A 138 -5.86 10.98 -18.31
CA GLU A 138 -6.93 10.14 -17.80
C GLU A 138 -7.90 10.90 -16.90
N VAL A 139 -7.45 11.99 -16.28
CA VAL A 139 -8.25 12.75 -15.33
C VAL A 139 -8.50 14.17 -15.79
N ALA A 140 -8.16 14.50 -17.03
CA ALA A 140 -8.31 15.85 -17.55
C ALA A 140 -9.59 15.98 -18.36
N THR A 141 -10.12 17.21 -18.41
CA THR A 141 -11.39 17.48 -19.06
C THR A 141 -11.25 18.71 -19.95
N GLY A 142 -11.54 18.54 -21.24
CA GLY A 142 -11.61 19.66 -22.16
C GLY A 142 -10.28 20.31 -22.48
N GLU A 143 -10.19 21.62 -22.20
CA GLU A 143 -8.98 22.37 -22.54
C GLU A 143 -7.75 21.82 -21.81
N LYS A 144 -7.92 21.35 -20.58
CA LYS A 144 -6.81 20.77 -19.85
C LYS A 144 -6.39 19.42 -20.40
N ARG A 145 -7.24 18.77 -21.19
CA ARG A 145 -6.95 17.45 -21.73
C ARG A 145 -6.12 17.52 -23.00
N ALA A 146 -6.63 18.20 -24.03
CA ALA A 146 -5.99 18.25 -25.34
C ALA A 146 -4.47 18.44 -25.22
N THR A 147 -4.05 19.47 -24.49
CA THR A 147 -2.63 19.77 -24.35
C THR A 147 -1.83 18.54 -23.96
N VAL A 148 -2.21 17.88 -22.86
CA VAL A 148 -1.40 16.75 -22.43
C VAL A 148 -1.52 15.60 -23.41
N VAL A 149 -2.68 15.43 -24.03
CA VAL A 149 -2.82 14.39 -25.04
C VAL A 149 -1.87 14.64 -26.19
N GLU A 150 -1.56 15.91 -26.45
CA GLU A 150 -0.48 16.23 -27.39
C GLU A 150 0.88 15.91 -26.79
N SER A 151 1.12 16.38 -25.55
CA SER A 151 2.43 16.20 -24.93
C SER A 151 2.77 14.73 -24.75
N SER A 152 1.76 13.89 -24.49
CA SER A 152 1.97 12.45 -24.51
C SER A 152 2.33 11.98 -25.91
N GLU A 153 1.53 12.35 -26.90
CA GLU A 153 1.67 11.79 -28.24
C GLU A 153 3.11 11.90 -28.74
N LYS A 154 3.64 13.13 -28.81
CA LYS A 154 5.03 13.34 -29.19
C LYS A 154 5.96 12.45 -28.36
N ALA A 155 5.88 12.60 -27.04
CA ALA A 155 6.72 11.83 -26.12
C ALA A 155 6.63 10.33 -26.39
N TYR A 156 5.49 9.88 -26.91
CA TYR A 156 5.40 8.49 -27.35
C TYR A 156 6.06 8.30 -28.70
N SER A 157 5.56 9.03 -29.71
CA SER A 157 5.92 8.73 -31.10
C SER A 157 7.43 8.84 -31.30
N GLU A 158 8.02 9.96 -30.90
CA GLU A 158 9.47 10.12 -30.92
C GLU A 158 10.17 8.87 -30.40
N ALA A 159 9.83 8.49 -29.16
CA ALA A 159 10.40 7.28 -28.56
C ALA A 159 10.31 6.12 -29.53
N HIS A 160 9.10 5.83 -30.02
CA HIS A 160 8.89 4.79 -31.03
C HIS A 160 9.95 4.90 -32.10
N GLU A 161 9.93 6.02 -32.83
CA GLU A 161 10.84 6.22 -33.95
C GLU A 161 12.27 5.87 -33.56
N ILE A 162 12.71 6.37 -32.39
CA ILE A 162 14.12 6.21 -32.01
C ILE A 162 14.50 4.74 -32.02
N SER A 163 13.75 3.91 -31.31
CA SER A 163 14.12 2.51 -31.22
C SER A 163 13.58 1.70 -32.39
N LYS A 164 12.81 2.32 -33.28
CA LYS A 164 12.61 1.73 -34.60
C LYS A 164 13.86 1.87 -35.46
N GLU A 165 14.91 2.50 -34.93
CA GLU A 165 16.13 2.76 -35.66
C GLU A 165 17.37 2.16 -35.03
N HIS A 166 17.36 1.81 -33.73
CA HIS A 166 18.58 1.42 -33.06
C HIS A 166 18.49 0.18 -32.18
N MET A 167 17.34 -0.50 -32.10
CA MET A 167 17.29 -1.78 -31.41
C MET A 167 16.14 -2.61 -31.96
N GLN A 168 16.39 -3.91 -32.10
CA GLN A 168 15.44 -4.81 -32.72
C GLN A 168 14.18 -4.94 -31.87
N PRO A 169 13.05 -5.32 -32.48
CA PRO A 169 11.76 -5.32 -31.77
C PRO A 169 11.58 -6.47 -30.79
N THR A 170 12.63 -7.22 -30.44
CA THR A 170 12.55 -8.20 -29.38
C THR A 170 13.09 -7.66 -28.06
N HIS A 171 13.43 -6.37 -28.01
CA HIS A 171 13.89 -5.77 -26.77
C HIS A 171 12.69 -5.48 -25.87
N PRO A 172 12.77 -5.82 -24.58
CA PRO A 172 11.61 -5.58 -23.70
C PRO A 172 11.20 -4.13 -23.62
N ILE A 173 12.15 -3.18 -23.71
CA ILE A 173 11.80 -1.78 -23.63
C ILE A 173 11.00 -1.35 -24.85
N ARG A 174 11.45 -1.75 -26.05
CA ARG A 174 10.72 -1.38 -27.26
C ARG A 174 9.32 -1.99 -27.27
N LEU A 175 9.20 -3.25 -26.84
CA LEU A 175 7.90 -3.90 -26.80
C LEU A 175 6.98 -3.25 -25.77
N GLY A 176 7.52 -2.87 -24.61
CA GLY A 176 6.70 -2.20 -23.62
C GLY A 176 6.23 -0.83 -24.10
N LEU A 177 7.11 -0.10 -24.79
CA LEU A 177 6.70 1.17 -25.39
C LEU A 177 5.60 0.95 -26.42
N ALA A 178 5.73 -0.08 -27.24
CA ALA A 178 4.71 -0.38 -28.23
C ALA A 178 3.37 -0.74 -27.56
N LEU A 179 3.43 -1.49 -26.46
CA LEU A 179 2.20 -1.89 -25.77
C LEU A 179 1.51 -0.69 -25.14
N ASN A 180 2.27 0.15 -24.42
CA ASN A 180 1.69 1.34 -23.83
C ASN A 180 1.19 2.30 -24.89
N TYR A 181 1.86 2.38 -26.04
CA TYR A 181 1.39 3.21 -27.14
C TYR A 181 0.09 2.69 -27.72
N SER A 182 -0.04 1.38 -27.87
CA SER A 182 -1.27 0.79 -28.40
C SER A 182 -2.44 1.04 -27.47
N VAL A 183 -2.24 0.84 -26.17
CA VAL A 183 -3.34 1.08 -25.24
C VAL A 183 -3.58 2.58 -25.03
N PHE A 184 -2.59 3.43 -25.34
CA PHE A 184 -2.86 4.86 -25.35
C PHE A 184 -3.73 5.24 -26.54
N TYR A 185 -3.46 4.66 -27.70
CA TYR A 185 -4.29 4.89 -28.86
C TYR A 185 -5.71 4.36 -28.64
N TYR A 186 -5.82 3.24 -27.92
CA TYR A 186 -7.13 2.63 -27.69
C TYR A 186 -7.93 3.43 -26.65
N GLU A 187 -7.36 3.60 -25.46
CA GLU A 187 -8.11 4.17 -24.34
C GLU A 187 -8.35 5.67 -24.54
N ILE A 188 -7.28 6.43 -24.75
CA ILE A 188 -7.37 7.89 -24.77
C ILE A 188 -7.71 8.38 -26.17
N GLN A 189 -6.87 8.06 -27.15
CA GLN A 189 -7.09 8.53 -28.51
C GLN A 189 -8.36 7.96 -29.13
N ASN A 190 -8.95 6.93 -28.53
CA ASN A 190 -10.21 6.34 -28.99
C ASN A 190 -10.09 5.84 -30.44
N ALA A 191 -8.90 5.44 -30.85
CA ALA A 191 -8.64 4.95 -32.20
C ALA A 191 -8.28 3.47 -32.14
N PRO A 192 -9.27 2.57 -32.21
CA PRO A 192 -8.94 1.13 -32.19
C PRO A 192 -8.18 0.68 -33.43
N GLU A 193 -8.35 1.37 -34.56
CA GLU A 193 -7.66 1.00 -35.78
C GLU A 193 -6.14 1.15 -35.61
N GLN A 194 -5.69 2.33 -35.20
CA GLN A 194 -4.26 2.57 -35.02
C GLN A 194 -3.70 1.72 -33.89
N ALA A 195 -4.48 1.50 -32.84
CA ALA A 195 -4.04 0.67 -31.73
C ALA A 195 -3.79 -0.76 -32.18
N CYS A 196 -4.77 -1.36 -32.85
CA CYS A 196 -4.58 -2.70 -33.41
C CYS A 196 -3.42 -2.74 -34.37
N HIS A 197 -3.29 -1.70 -35.20
CA HIS A 197 -2.19 -1.65 -36.17
C HIS A 197 -0.84 -1.73 -35.48
N LEU A 198 -0.60 -0.85 -34.51
CA LEU A 198 0.71 -0.84 -33.87
C LEU A 198 0.93 -2.09 -33.04
N ALA A 199 -0.13 -2.62 -32.40
CA ALA A 199 0.01 -3.90 -31.71
C ALA A 199 0.49 -4.98 -32.66
N LYS A 200 -0.05 -5.00 -33.88
CA LYS A 200 0.35 -6.01 -34.87
C LYS A 200 1.79 -5.79 -35.34
N THR A 201 2.14 -4.54 -35.70
CA THR A 201 3.50 -4.27 -36.15
C THR A 201 4.53 -4.54 -35.06
N ALA A 202 4.13 -4.43 -33.80
CA ALA A 202 5.04 -4.77 -32.72
C ALA A 202 5.19 -6.28 -32.59
N PHE A 203 4.06 -7.00 -32.48
CA PHE A 203 4.14 -8.43 -32.19
C PHE A 203 4.73 -9.22 -33.36
N ASP A 204 4.35 -8.87 -34.60
CA ASP A 204 4.88 -9.58 -35.76
C ASP A 204 6.37 -9.37 -35.91
N ASP A 205 6.81 -8.11 -35.87
CA ASP A 205 8.24 -7.82 -35.93
C ASP A 205 8.99 -8.48 -34.78
N ALA A 206 8.33 -8.65 -33.62
CA ALA A 206 8.99 -9.29 -32.49
C ALA A 206 9.18 -10.78 -32.74
N ILE A 207 8.11 -11.48 -33.11
CA ILE A 207 8.22 -12.93 -33.33
C ILE A 207 9.05 -13.25 -34.56
N ALA A 208 9.23 -12.31 -35.48
CA ALA A 208 10.04 -12.57 -36.67
C ALA A 208 11.49 -12.88 -36.34
N GLU A 209 11.97 -12.45 -35.18
CA GLU A 209 13.37 -12.64 -34.77
C GLU A 209 13.44 -13.17 -33.34
N LEU A 210 12.70 -14.23 -33.05
CA LEU A 210 12.72 -14.83 -31.72
C LEU A 210 14.08 -15.48 -31.43
N ASP A 211 14.98 -15.47 -32.42
CA ASP A 211 16.36 -15.88 -32.18
C ASP A 211 17.04 -14.95 -31.20
N THR A 212 16.88 -13.64 -31.39
CA THR A 212 17.60 -12.63 -30.62
C THR A 212 17.17 -12.57 -29.16
N LEU A 213 16.23 -13.40 -28.73
CA LEU A 213 15.82 -13.43 -27.32
C LEU A 213 16.99 -13.91 -26.47
N ASN A 214 17.59 -13.00 -25.71
CA ASN A 214 18.77 -13.33 -24.93
C ASN A 214 18.40 -14.23 -23.74
N GLU A 215 19.43 -14.81 -23.12
CA GLU A 215 19.22 -15.67 -21.97
C GLU A 215 18.79 -14.88 -20.73
N ASP A 216 19.13 -13.60 -20.65
CA ASP A 216 18.79 -12.76 -19.52
C ASP A 216 17.63 -11.83 -19.80
N SER A 217 17.01 -11.93 -20.98
CA SER A 217 15.92 -11.03 -21.36
C SER A 217 14.69 -11.77 -21.88
N TYR A 218 14.66 -13.11 -21.80
CA TYR A 218 13.56 -13.84 -22.42
C TYR A 218 12.25 -13.61 -21.66
N LYS A 219 12.27 -13.76 -20.33
CA LYS A 219 11.05 -13.64 -19.55
C LYS A 219 10.30 -12.34 -19.88
N ASP A 220 11.02 -11.20 -19.77
CA ASP A 220 10.38 -9.90 -19.96
C ASP A 220 9.78 -9.77 -21.35
N SER A 221 10.59 -10.00 -22.39
CA SER A 221 10.07 -9.91 -23.76
C SER A 221 8.89 -10.85 -23.95
N THR A 222 9.09 -12.17 -23.86
CA THR A 222 7.99 -13.11 -24.08
C THR A 222 6.71 -12.67 -23.36
N LEU A 223 6.84 -12.15 -22.14
CA LEU A 223 5.65 -11.63 -21.45
C LEU A 223 5.03 -10.47 -22.23
N ILE A 224 5.83 -9.48 -22.61
CA ILE A 224 5.27 -8.27 -23.23
C ILE A 224 4.71 -8.60 -24.62
N MET A 225 5.41 -9.44 -25.38
CA MET A 225 4.91 -9.91 -26.66
C MET A 225 3.59 -10.66 -26.49
N GLN A 226 3.50 -11.51 -25.46
CA GLN A 226 2.27 -12.26 -25.24
C GLN A 226 1.12 -11.33 -24.90
N LEU A 227 1.37 -10.30 -24.09
CA LEU A 227 0.28 -9.38 -23.75
C LEU A 227 -0.08 -8.48 -24.92
N LEU A 228 0.89 -8.13 -25.78
CA LEU A 228 0.56 -7.45 -27.03
C LEU A 228 -0.37 -8.31 -27.89
N ARG A 229 -0.02 -9.59 -28.04
CA ARG A 229 -0.87 -10.51 -28.79
C ARG A 229 -2.25 -10.60 -28.16
N ASP A 230 -2.31 -10.73 -26.84
CA ASP A 230 -3.58 -10.79 -26.12
C ASP A 230 -4.45 -9.58 -26.44
N ASN A 231 -3.92 -8.38 -26.19
CA ASN A 231 -4.64 -7.15 -26.52
C ASN A 231 -5.09 -7.17 -27.98
N LEU A 232 -4.29 -7.76 -28.87
CA LEU A 232 -4.68 -7.86 -30.27
C LEU A 232 -5.88 -8.78 -30.47
N THR A 233 -6.00 -9.84 -29.66
CA THR A 233 -7.11 -10.77 -29.83
C THR A 233 -8.45 -10.11 -29.54
N LEU A 234 -8.61 -9.56 -28.33
CA LEU A 234 -9.89 -9.03 -27.89
C LEU A 234 -10.22 -7.67 -28.51
N TRP A 235 -9.50 -7.24 -29.53
CA TRP A 235 -9.80 -5.99 -30.22
C TRP A 235 -10.19 -6.24 -31.67
N VAL B 4 -18.94 19.79 9.55
CA VAL B 4 -19.39 18.71 8.67
C VAL B 4 -20.16 17.68 9.48
N ASP B 5 -21.29 17.22 8.94
CA ASP B 5 -22.13 16.25 9.64
C ASP B 5 -21.36 14.95 9.88
N ARG B 6 -21.62 14.34 11.04
CA ARG B 6 -20.89 13.12 11.42
C ARG B 6 -21.15 11.99 10.44
N GLU B 7 -22.37 11.89 9.92
CA GLU B 7 -22.67 10.87 8.91
C GLU B 7 -21.82 11.06 7.67
N GLN B 8 -21.54 12.31 7.30
CA GLN B 8 -20.66 12.58 6.16
C GLN B 8 -19.26 12.06 6.41
N LEU B 9 -18.73 12.24 7.62
CA LEU B 9 -17.41 11.72 7.96
C LEU B 9 -17.40 10.19 7.95
N VAL B 10 -18.48 9.58 8.46
CA VAL B 10 -18.55 8.12 8.48
C VAL B 10 -18.59 7.58 7.05
N GLN B 11 -19.32 8.26 6.17
CA GLN B 11 -19.31 7.86 4.76
C GLN B 11 -17.94 8.08 4.12
N LYS B 12 -17.27 9.18 4.49
CA LYS B 12 -15.93 9.45 3.97
C LYS B 12 -14.99 8.30 4.29
N ALA B 13 -14.99 7.85 5.54
CA ALA B 13 -14.10 6.77 5.93
C ALA B 13 -14.59 5.40 5.46
N ARG B 14 -15.90 5.24 5.25
CA ARG B 14 -16.41 3.99 4.69
C ARG B 14 -15.99 3.83 3.24
N LEU B 15 -15.97 4.92 2.49
CA LEU B 15 -15.51 4.87 1.10
C LEU B 15 -13.99 4.88 0.99
N ALA B 16 -13.31 5.50 1.97
CA ALA B 16 -11.86 5.46 2.00
C ALA B 16 -11.33 4.05 2.21
N GLU B 17 -12.12 3.17 2.83
CA GLU B 17 -11.75 1.76 2.90
C GLU B 17 -11.73 1.12 1.53
N GLN B 18 -12.61 1.54 0.63
CA GLN B 18 -12.62 1.05 -0.74
C GLN B 18 -11.52 1.64 -1.58
N ALA B 19 -10.80 2.64 -1.06
CA ALA B 19 -9.67 3.26 -1.73
C ALA B 19 -8.34 3.04 -1.03
N GLU B 20 -8.32 2.27 0.07
CA GLU B 20 -7.12 2.00 0.86
C GLU B 20 -6.54 3.23 1.52
N ARG B 21 -7.18 4.39 1.38
CA ARG B 21 -6.70 5.57 2.08
C ARG B 21 -7.03 5.40 3.56
N TYR B 22 -6.44 4.33 4.11
CA TYR B 22 -6.63 3.96 5.51
C TYR B 22 -6.11 5.03 6.45
N ASP B 23 -5.17 5.85 6.00
CA ASP B 23 -4.82 7.06 6.74
C ASP B 23 -6.01 8.00 6.80
N ASP B 24 -6.67 8.22 5.66
CA ASP B 24 -7.87 9.06 5.64
C ASP B 24 -9.00 8.41 6.43
N MET B 25 -9.14 7.09 6.32
CA MET B 25 -10.16 6.38 7.08
C MET B 25 -9.94 6.56 8.58
N ALA B 26 -8.71 6.32 9.04
CA ALA B 26 -8.38 6.48 10.45
C ALA B 26 -8.56 7.92 10.90
N ALA B 27 -8.23 8.89 10.04
CA ALA B 27 -8.37 10.29 10.43
C ALA B 27 -9.83 10.68 10.56
N ALA B 28 -10.65 10.31 9.57
CA ALA B 28 -12.07 10.62 9.63
C ALA B 28 -12.72 9.95 10.84
N MET B 29 -12.35 8.71 11.12
CA MET B 29 -12.98 8.04 12.26
C MET B 29 -12.42 8.52 13.59
N LYS B 30 -11.18 9.00 13.63
CA LYS B 30 -10.66 9.65 14.83
C LYS B 30 -11.41 10.94 15.12
N ASN B 31 -11.65 11.75 14.08
CA ASN B 31 -12.45 12.95 14.26
C ASN B 31 -13.91 12.60 14.59
N VAL B 32 -14.37 11.42 14.17
CA VAL B 32 -15.70 10.98 14.55
C VAL B 32 -15.74 10.62 16.04
N THR B 33 -14.68 9.98 16.55
CA THR B 33 -14.63 9.72 17.98
C THR B 33 -14.44 11.01 18.77
N GLU B 34 -13.80 12.02 18.19
CA GLU B 34 -13.50 13.23 18.92
C GLU B 34 -14.72 14.14 19.17
N LEU B 35 -15.95 13.81 18.80
CA LEU B 35 -17.14 14.55 19.25
C LEU B 35 -17.67 14.05 20.58
N ASN B 36 -16.98 13.10 21.22
CA ASN B 36 -17.29 12.63 22.57
C ASN B 36 -18.64 11.92 22.67
N GLU B 37 -19.15 11.40 21.56
CA GLU B 37 -20.37 10.61 21.57
C GLU B 37 -20.04 9.15 21.29
N PRO B 38 -20.60 8.21 22.05
CA PRO B 38 -20.27 6.80 21.85
C PRO B 38 -20.57 6.33 20.44
N LEU B 39 -19.79 5.35 19.99
CA LEU B 39 -19.86 4.86 18.62
C LEU B 39 -20.81 3.69 18.49
N SER B 40 -21.41 3.55 17.31
CA SER B 40 -22.18 2.36 17.00
C SER B 40 -21.24 1.17 16.88
N ASN B 41 -21.83 -0.01 16.71
CA ASN B 41 -21.03 -1.21 16.47
C ASN B 41 -20.24 -1.09 15.17
N GLU B 42 -20.90 -0.64 14.11
CA GLU B 42 -20.25 -0.52 12.81
C GLU B 42 -19.14 0.53 12.84
N GLU B 43 -19.41 1.69 13.44
CA GLU B 43 -18.43 2.77 13.47
C GLU B 43 -17.21 2.38 14.29
N ARG B 44 -17.43 1.79 15.47
CA ARG B 44 -16.33 1.30 16.28
C ARG B 44 -15.52 0.24 15.52
N ASN B 45 -16.21 -0.68 14.85
CA ASN B 45 -15.51 -1.73 14.12
C ASN B 45 -14.65 -1.18 13.00
N LEU B 46 -15.16 -0.21 12.24
CA LEU B 46 -14.35 0.31 11.14
C LEU B 46 -13.26 1.25 11.62
N LEU B 47 -13.44 1.93 12.75
CA LEU B 47 -12.31 2.63 13.36
C LEU B 47 -11.20 1.66 13.71
N SER B 48 -11.56 0.55 14.37
CA SER B 48 -10.59 -0.49 14.67
C SER B 48 -9.90 -0.97 13.39
N VAL B 49 -10.68 -1.20 12.33
CA VAL B 49 -10.13 -1.72 11.09
C VAL B 49 -9.12 -0.74 10.50
N ALA B 50 -9.48 0.53 10.43
CA ALA B 50 -8.59 1.53 9.85
C ALA B 50 -7.28 1.63 10.63
N TYR B 51 -7.38 1.83 11.95
CA TYR B 51 -6.17 2.03 12.73
C TYR B 51 -5.31 0.77 12.74
N LYS B 52 -5.94 -0.40 12.84
CA LYS B 52 -5.17 -1.64 12.80
C LYS B 52 -4.51 -1.84 11.45
N ASN B 53 -5.15 -1.42 10.36
CA ASN B 53 -4.55 -1.56 9.03
C ASN B 53 -3.32 -0.68 8.90
N VAL B 54 -3.41 0.58 9.33
CA VAL B 54 -2.24 1.45 9.19
C VAL B 54 -1.10 0.98 10.10
N VAL B 55 -1.41 0.61 11.34
CA VAL B 55 -0.35 0.15 12.22
C VAL B 55 0.19 -1.20 11.74
N GLY B 56 -0.62 -1.98 11.04
CA GLY B 56 -0.14 -3.25 10.52
C GLY B 56 0.78 -3.09 9.34
N ALA B 57 0.52 -2.11 8.48
CA ALA B 57 1.48 -1.77 7.43
C ALA B 57 2.82 -1.38 8.06
N ARG B 58 2.76 -0.47 9.03
CA ARG B 58 3.98 -0.06 9.73
C ARG B 58 4.69 -1.28 10.33
N ARG B 59 3.94 -2.15 11.01
CA ARG B 59 4.51 -3.31 11.67
C ARG B 59 5.17 -4.26 10.67
N SER B 60 4.49 -4.53 9.55
CA SER B 60 5.00 -5.50 8.58
C SER B 60 6.31 -5.00 7.97
N SER B 61 6.32 -3.75 7.53
CA SER B 61 7.55 -3.24 6.92
C SER B 61 8.66 -3.05 7.97
N TRP B 62 8.31 -2.72 9.21
CA TRP B 62 9.32 -2.70 10.27
C TRP B 62 9.91 -4.09 10.48
N ARG B 63 9.08 -5.13 10.41
CA ARG B 63 9.57 -6.48 10.62
C ARG B 63 10.50 -6.90 9.50
N VAL B 64 10.16 -6.57 8.25
CA VAL B 64 11.06 -6.93 7.15
C VAL B 64 12.35 -6.11 7.22
N ILE B 65 12.28 -4.87 7.72
CA ILE B 65 13.49 -4.07 7.87
C ILE B 65 14.40 -4.65 8.95
N SER B 66 13.81 -5.03 10.08
CA SER B 66 14.60 -5.61 11.17
C SER B 66 15.17 -6.96 10.79
N SER B 67 14.44 -7.74 9.98
CA SER B 67 14.97 -9.01 9.51
C SER B 67 16.10 -8.80 8.50
N ILE B 68 15.99 -7.75 7.68
CA ILE B 68 17.10 -7.39 6.81
C ILE B 68 18.28 -6.88 7.63
N GLU B 69 18.00 -6.21 8.76
CA GLU B 69 19.05 -5.65 9.61
C GLU B 69 19.92 -6.72 10.26
N GLN B 70 19.46 -7.97 10.31
CA GLN B 70 20.18 -9.02 11.04
C GLN B 70 21.24 -9.69 10.18
N LYS B 71 20.83 -10.31 9.08
CA LYS B 71 21.73 -11.07 8.21
C LYS B 71 22.52 -10.07 7.36
N THR B 72 23.68 -9.66 7.87
CA THR B 72 24.50 -8.66 7.20
C THR B 72 25.99 -8.96 7.38
N LYS B 79 29.35 -1.14 8.35
CA LYS B 79 29.17 -1.05 6.90
C LYS B 79 28.10 -0.04 6.56
N LYS B 80 27.09 -0.48 5.79
CA LYS B 80 25.95 0.35 5.43
C LYS B 80 24.75 0.08 6.33
N ILE B 81 24.99 -0.22 7.60
CA ILE B 81 23.92 -0.56 8.53
C ILE B 81 23.39 0.66 9.27
N GLU B 82 24.17 1.74 9.36
CA GLU B 82 23.65 2.97 9.97
C GLU B 82 22.39 3.44 9.28
N MET B 83 22.34 3.32 7.94
CA MET B 83 21.12 3.68 7.22
C MET B 83 19.97 2.74 7.57
N VAL B 84 20.24 1.44 7.67
CA VAL B 84 19.19 0.49 8.02
C VAL B 84 18.63 0.80 9.40
N ARG B 85 19.50 1.16 10.34
CA ARG B 85 19.04 1.49 11.69
C ARG B 85 18.25 2.77 11.71
N ALA B 86 18.67 3.77 10.94
CA ALA B 86 17.91 5.02 10.84
C ALA B 86 16.52 4.77 10.25
N TYR B 87 16.46 3.92 9.21
CA TYR B 87 15.17 3.58 8.62
C TYR B 87 14.28 2.85 9.61
N ARG B 88 14.85 1.88 10.33
CA ARG B 88 14.08 1.15 11.33
C ARG B 88 13.56 2.08 12.42
N GLU B 89 14.38 3.05 12.84
CA GLU B 89 13.94 3.99 13.86
C GLU B 89 12.86 4.93 13.33
N LYS B 90 12.93 5.28 12.05
CA LYS B 90 11.87 6.10 11.45
C LYS B 90 10.55 5.33 11.43
N ILE B 91 10.59 4.06 11.01
CA ILE B 91 9.39 3.25 11.04
C ILE B 91 8.87 3.10 12.46
N GLU B 92 9.78 2.92 13.41
CA GLU B 92 9.41 2.83 14.82
C GLU B 92 8.69 4.09 15.27
N LYS B 93 9.21 5.26 14.89
CA LYS B 93 8.60 6.52 15.30
C LYS B 93 7.20 6.66 14.72
N GLU B 94 7.04 6.36 13.44
CA GLU B 94 5.70 6.37 12.84
C GLU B 94 4.76 5.43 13.59
N LEU B 95 5.23 4.22 13.89
CA LEU B 95 4.40 3.22 14.52
C LEU B 95 3.93 3.67 15.90
N GLU B 96 4.88 4.08 16.75
CA GLU B 96 4.46 4.50 18.09
C GLU B 96 3.72 5.82 18.08
N ALA B 97 3.87 6.63 17.02
CA ALA B 97 3.02 7.80 16.89
C ALA B 97 1.57 7.40 16.70
N VAL B 98 1.30 6.51 15.74
CA VAL B 98 -0.09 6.09 15.55
C VAL B 98 -0.60 5.31 16.75
N CYS B 99 0.29 4.58 17.44
CA CYS B 99 -0.11 3.83 18.63
C CYS B 99 -0.51 4.77 19.76
N GLN B 100 0.28 5.81 20.01
CA GLN B 100 -0.09 6.79 21.02
C GLN B 100 -1.37 7.52 20.63
N ASP B 101 -1.58 7.75 19.34
CA ASP B 101 -2.82 8.38 18.89
C ASP B 101 -4.03 7.53 19.26
N VAL B 102 -4.00 6.23 18.90
CA VAL B 102 -5.15 5.38 19.20
C VAL B 102 -5.29 5.16 20.71
N LEU B 103 -4.17 5.12 21.44
CA LEU B 103 -4.25 4.94 22.89
C LEU B 103 -4.88 6.16 23.56
N SER B 104 -4.49 7.36 23.14
CA SER B 104 -5.09 8.57 23.70
C SER B 104 -6.55 8.70 23.30
N LEU B 105 -6.90 8.26 22.08
CA LEU B 105 -8.31 8.18 21.72
C LEU B 105 -9.07 7.27 22.69
N LEU B 106 -8.53 6.07 22.92
CA LEU B 106 -9.18 5.12 23.82
C LEU B 106 -9.38 5.72 25.21
N ASP B 107 -8.28 6.17 25.84
CA ASP B 107 -8.35 6.62 27.22
C ASP B 107 -9.26 7.83 27.38
N ASN B 108 -9.20 8.77 26.43
CA ASN B 108 -9.93 10.02 26.61
C ASN B 108 -11.39 9.92 26.15
N TYR B 109 -11.69 9.11 25.15
CA TYR B 109 -13.04 9.08 24.57
C TYR B 109 -13.74 7.74 24.74
N LEU B 110 -13.15 6.63 24.28
CA LEU B 110 -13.94 5.41 24.08
C LEU B 110 -14.09 4.59 25.35
N ILE B 111 -12.98 4.25 26.01
CA ILE B 111 -13.09 3.45 27.24
C ILE B 111 -13.84 4.22 28.32
N LYS B 112 -13.75 5.55 28.30
CA LYS B 112 -14.35 6.35 29.36
C LYS B 112 -15.86 6.45 29.20
N ASN B 113 -16.33 6.59 27.96
CA ASN B 113 -17.77 6.64 27.69
C ASN B 113 -18.45 5.28 27.87
N CYS B 114 -17.74 4.27 28.35
CA CYS B 114 -18.32 2.97 28.64
C CYS B 114 -18.74 2.93 30.10
N SER B 115 -20.03 2.67 30.35
CA SER B 115 -20.51 2.57 31.71
C SER B 115 -19.93 1.33 32.40
N GLU B 116 -20.13 1.27 33.72
CA GLU B 116 -19.55 0.20 34.52
C GLU B 116 -20.06 -1.19 34.16
N THR B 117 -21.12 -1.27 33.33
CA THR B 117 -21.62 -2.57 32.92
C THR B 117 -21.92 -2.63 31.42
N GLN B 118 -21.40 -1.68 30.62
CA GLN B 118 -21.43 -1.83 29.18
C GLN B 118 -20.38 -2.86 28.78
N TYR B 119 -20.69 -4.14 29.03
CA TYR B 119 -19.65 -5.15 29.13
C TYR B 119 -18.96 -5.39 27.78
N GLU B 120 -19.73 -5.67 26.73
CA GLU B 120 -19.13 -6.05 25.45
C GLU B 120 -18.23 -4.95 24.90
N SER B 121 -18.75 -3.73 24.82
CA SER B 121 -17.95 -2.63 24.28
C SER B 121 -16.74 -2.34 25.16
N LYS B 122 -16.90 -2.47 26.49
CA LYS B 122 -15.80 -2.20 27.39
C LYS B 122 -14.66 -3.20 27.17
N VAL B 123 -14.98 -4.50 27.18
CA VAL B 123 -13.92 -5.49 26.98
C VAL B 123 -13.33 -5.36 25.59
N PHE B 124 -14.14 -4.97 24.59
CA PHE B 124 -13.62 -4.70 23.27
C PHE B 124 -12.54 -3.61 23.32
N TYR B 125 -12.86 -2.48 23.95
CA TYR B 125 -11.91 -1.37 23.99
C TYR B 125 -10.68 -1.69 24.84
N LEU B 126 -10.84 -2.48 25.91
CA LEU B 126 -9.68 -2.83 26.71
C LEU B 126 -8.77 -3.82 25.99
N LYS B 127 -9.36 -4.76 25.24
CA LYS B 127 -8.55 -5.64 24.41
C LYS B 127 -7.83 -4.84 23.34
N MET B 128 -8.48 -3.81 22.80
CA MET B 128 -7.81 -2.95 21.83
C MET B 128 -6.63 -2.20 22.46
N LYS B 129 -6.84 -1.68 23.67
CA LYS B 129 -5.76 -1.01 24.40
C LYS B 129 -4.58 -1.95 24.63
N GLY B 130 -4.88 -3.18 25.07
CA GLY B 130 -3.82 -4.15 25.26
C GLY B 130 -3.11 -4.51 23.95
N ASP B 131 -3.86 -4.59 22.86
CA ASP B 131 -3.28 -4.88 21.56
C ASP B 131 -2.30 -3.79 21.15
N TYR B 132 -2.70 -2.52 21.31
CA TYR B 132 -1.84 -1.44 20.86
C TYR B 132 -0.65 -1.24 21.80
N TYR B 133 -0.80 -1.54 23.09
CA TYR B 133 0.36 -1.52 23.98
C TYR B 133 1.31 -2.68 23.66
N ARG B 134 0.76 -3.83 23.25
CA ARG B 134 1.61 -4.93 22.77
C ARG B 134 2.35 -4.53 21.50
N TYR B 135 1.69 -3.80 20.61
CA TYR B 135 2.36 -3.29 19.42
C TYR B 135 3.47 -2.32 19.81
N LEU B 136 3.22 -1.47 20.81
CA LEU B 136 4.26 -0.59 21.33
C LEU B 136 5.44 -1.40 21.85
N ALA B 137 5.17 -2.50 22.55
CA ALA B 137 6.23 -3.33 23.11
C ALA B 137 7.00 -4.06 22.01
N GLU B 138 6.35 -4.30 20.86
CA GLU B 138 7.00 -5.01 19.76
C GLU B 138 8.28 -4.33 19.28
N VAL B 139 8.45 -3.03 19.55
CA VAL B 139 9.59 -2.28 19.03
C VAL B 139 10.31 -1.53 20.15
N ALA B 140 9.90 -1.78 21.39
CA ALA B 140 10.40 -1.02 22.52
C ALA B 140 11.69 -1.62 23.08
N THR B 141 12.40 -0.80 23.85
CA THR B 141 13.72 -1.17 24.37
C THR B 141 13.78 -1.02 25.88
N GLY B 142 14.40 -1.99 26.54
CA GLY B 142 14.79 -1.85 27.93
C GLY B 142 13.59 -1.64 28.85
N GLU B 143 13.74 -0.72 29.80
CA GLU B 143 12.67 -0.40 30.72
C GLU B 143 11.50 0.26 30.01
N LYS B 144 11.77 1.01 28.94
CA LYS B 144 10.70 1.54 28.10
C LYS B 144 9.87 0.43 27.49
N ARG B 145 10.40 -0.79 27.44
CA ARG B 145 9.63 -1.96 27.04
C ARG B 145 8.91 -2.60 28.22
N ALA B 146 9.56 -2.62 29.39
CA ALA B 146 8.92 -3.18 30.56
C ALA B 146 7.65 -2.43 30.93
N THR B 147 7.69 -1.10 30.84
CA THR B 147 6.51 -0.32 31.20
C THR B 147 5.33 -0.62 30.25
N VAL B 148 5.60 -0.72 28.96
CA VAL B 148 4.51 -0.94 28.02
C VAL B 148 4.00 -2.38 28.08
N VAL B 149 4.87 -3.36 28.36
CA VAL B 149 4.35 -4.72 28.53
C VAL B 149 3.54 -4.80 29.82
N GLU B 150 3.91 -4.04 30.85
CA GLU B 150 3.11 -4.02 32.07
C GLU B 150 1.75 -3.38 31.83
N SER B 151 1.71 -2.29 31.06
CA SER B 151 0.44 -1.64 30.73
C SER B 151 -0.44 -2.57 29.89
N SER B 152 0.14 -3.24 28.90
CA SER B 152 -0.62 -4.19 28.11
C SER B 152 -1.13 -5.34 28.96
N GLU B 153 -0.30 -5.81 29.91
CA GLU B 153 -0.74 -6.87 30.81
C GLU B 153 -1.93 -6.41 31.65
N LYS B 154 -1.89 -5.17 32.15
CA LYS B 154 -3.00 -4.68 32.96
C LYS B 154 -4.28 -4.54 32.13
N ALA B 155 -4.15 -4.04 30.90
CA ALA B 155 -5.31 -3.91 30.03
C ALA B 155 -5.93 -5.27 29.74
N TYR B 156 -5.10 -6.21 29.28
CA TYR B 156 -5.57 -7.58 29.05
C TYR B 156 -6.12 -8.19 30.33
N SER B 157 -5.60 -7.81 31.50
CA SER B 157 -6.07 -8.36 32.76
C SER B 157 -7.51 -7.93 33.04
N GLU B 158 -7.76 -6.62 32.98
CA GLU B 158 -9.14 -6.15 33.20
C GLU B 158 -10.07 -6.71 32.15
N ALA B 159 -9.63 -6.74 30.89
CA ALA B 159 -10.45 -7.30 29.83
C ALA B 159 -10.77 -8.76 30.09
N HIS B 160 -9.81 -9.54 30.58
CA HIS B 160 -10.02 -10.96 30.81
C HIS B 160 -10.92 -11.19 32.02
N GLU B 161 -10.78 -10.36 33.06
CA GLU B 161 -11.68 -10.46 34.20
C GLU B 161 -13.13 -10.27 33.77
N ILE B 162 -13.39 -9.17 33.06
CA ILE B 162 -14.75 -8.91 32.59
C ILE B 162 -15.18 -9.96 31.58
N SER B 163 -14.23 -10.51 30.81
CA SER B 163 -14.57 -11.59 29.87
C SER B 163 -15.05 -12.83 30.61
N LYS B 164 -14.36 -13.23 31.67
CA LYS B 164 -14.74 -14.45 32.37
C LYS B 164 -16.03 -14.25 33.15
N GLU B 165 -16.22 -13.08 33.77
CA GLU B 165 -17.37 -12.95 34.67
C GLU B 165 -18.68 -12.70 33.92
N HIS B 166 -18.79 -11.53 33.29
CA HIS B 166 -20.04 -11.12 32.65
C HIS B 166 -19.97 -11.24 31.13
N MET B 167 -19.80 -12.47 30.65
CA MET B 167 -19.78 -12.69 29.20
C MET B 167 -19.90 -14.18 28.91
N GLN B 168 -20.45 -14.49 27.74
CA GLN B 168 -20.59 -15.88 27.30
C GLN B 168 -19.26 -16.42 26.80
N PRO B 169 -18.89 -17.65 27.19
CA PRO B 169 -17.59 -18.20 26.77
C PRO B 169 -17.48 -18.48 25.28
N THR B 170 -18.51 -18.19 24.49
CA THR B 170 -18.45 -18.32 23.04
C THR B 170 -18.60 -16.98 22.34
N HIS B 171 -18.61 -15.88 23.09
CA HIS B 171 -18.71 -14.56 22.49
C HIS B 171 -17.46 -14.28 21.64
N PRO B 172 -17.63 -13.91 20.38
CA PRO B 172 -16.43 -13.65 19.54
C PRO B 172 -15.51 -12.58 20.10
N ILE B 173 -16.03 -11.63 20.88
CA ILE B 173 -15.16 -10.62 21.48
C ILE B 173 -14.31 -11.24 22.59
N ARG B 174 -14.92 -12.06 23.44
CA ARG B 174 -14.15 -12.78 24.46
C ARG B 174 -13.14 -13.72 23.82
N LEU B 175 -13.54 -14.40 22.74
CA LEU B 175 -12.62 -15.31 22.06
C LEU B 175 -11.45 -14.54 21.43
N GLY B 176 -11.72 -13.35 20.88
CA GLY B 176 -10.65 -12.56 20.30
C GLY B 176 -9.71 -12.03 21.37
N LEU B 177 -10.25 -11.59 22.50
CA LEU B 177 -9.40 -11.18 23.61
C LEU B 177 -8.53 -12.34 24.08
N ALA B 178 -9.10 -13.55 24.15
CA ALA B 178 -8.32 -14.69 24.59
C ALA B 178 -7.22 -15.05 23.58
N LEU B 179 -7.54 -14.98 22.28
CA LEU B 179 -6.56 -15.27 21.25
C LEU B 179 -5.41 -14.28 21.30
N ASN B 180 -5.74 -12.98 21.41
CA ASN B 180 -4.68 -11.98 21.44
C ASN B 180 -3.92 -12.00 22.77
N TYR B 181 -4.57 -12.44 23.85
CA TYR B 181 -3.85 -12.64 25.11
C TYR B 181 -2.85 -13.78 24.99
N SER B 182 -3.24 -14.87 24.31
CA SER B 182 -2.30 -15.95 24.04
C SER B 182 -1.14 -15.46 23.18
N VAL B 183 -1.44 -14.70 22.13
CA VAL B 183 -0.38 -14.19 21.26
C VAL B 183 0.53 -13.23 22.02
N PHE B 184 -0.02 -12.48 22.98
CA PHE B 184 0.79 -11.61 23.81
C PHE B 184 1.72 -12.42 24.71
N TYR B 185 1.18 -13.42 25.39
CA TYR B 185 2.00 -14.24 26.28
C TYR B 185 3.07 -15.00 25.50
N TYR B 186 2.82 -15.30 24.23
CA TYR B 186 3.80 -16.04 23.44
C TYR B 186 4.87 -15.12 22.86
N GLU B 187 4.45 -14.10 22.12
CA GLU B 187 5.36 -13.27 21.33
C GLU B 187 5.98 -12.12 22.12
N ILE B 188 5.50 -11.82 23.31
CA ILE B 188 6.02 -10.72 24.12
C ILE B 188 6.70 -11.23 25.38
N GLN B 189 6.03 -12.10 26.13
CA GLN B 189 6.60 -12.62 27.37
C GLN B 189 7.47 -13.85 27.16
N ASN B 190 7.53 -14.38 25.93
CA ASN B 190 8.29 -15.58 25.61
C ASN B 190 7.94 -16.73 26.56
N ALA B 191 6.66 -16.82 26.91
CA ALA B 191 6.15 -17.86 27.81
C ALA B 191 5.13 -18.69 27.04
N PRO B 192 5.58 -19.59 26.16
CA PRO B 192 4.63 -20.41 25.40
C PRO B 192 3.76 -21.29 26.27
N GLU B 193 4.20 -21.59 27.50
CA GLU B 193 3.37 -22.38 28.41
C GLU B 193 2.09 -21.63 28.76
N GLN B 194 2.22 -20.39 29.24
CA GLN B 194 1.04 -19.61 29.61
C GLN B 194 0.18 -19.30 28.40
N ALA B 195 0.80 -19.06 27.24
CA ALA B 195 0.04 -18.79 26.02
C ALA B 195 -0.78 -20.00 25.60
N CYS B 196 -0.15 -21.17 25.53
CA CYS B 196 -0.87 -22.39 25.20
C CYS B 196 -1.95 -22.68 26.23
N HIS B 197 -1.70 -22.36 27.50
CA HIS B 197 -2.70 -22.60 28.54
C HIS B 197 -3.92 -21.70 28.35
N LEU B 198 -3.68 -20.42 28.07
CA LEU B 198 -4.79 -19.50 27.82
C LEU B 198 -5.60 -19.94 26.61
N ALA B 199 -4.91 -20.29 25.52
CA ALA B 199 -5.62 -20.76 24.33
C ALA B 199 -6.40 -22.03 24.61
N LYS B 200 -5.82 -22.96 25.36
CA LYS B 200 -6.49 -24.21 25.67
C LYS B 200 -7.74 -23.98 26.51
N THR B 201 -7.65 -23.11 27.52
CA THR B 201 -8.82 -22.82 28.34
C THR B 201 -9.90 -22.12 27.54
N ALA B 202 -9.52 -21.20 26.66
CA ALA B 202 -10.51 -20.52 25.83
C ALA B 202 -11.22 -21.51 24.90
N PHE B 203 -10.46 -22.38 24.25
CA PHE B 203 -11.05 -23.36 23.34
C PHE B 203 -11.93 -24.35 24.10
N ASP B 204 -11.48 -24.81 25.27
CA ASP B 204 -12.22 -25.79 26.05
C ASP B 204 -13.39 -25.18 26.81
N ASP B 205 -13.48 -23.86 26.87
CA ASP B 205 -14.70 -23.21 27.34
C ASP B 205 -15.64 -22.88 26.18
N ALA B 206 -15.11 -22.71 24.97
CA ALA B 206 -15.94 -22.41 23.82
C ALA B 206 -16.52 -23.64 23.15
N ILE B 207 -15.95 -24.83 23.39
CA ILE B 207 -16.47 -26.04 22.75
C ILE B 207 -17.81 -26.49 23.30
N ALA B 208 -18.26 -25.92 24.43
CA ALA B 208 -19.41 -26.48 25.13
C ALA B 208 -20.69 -26.37 24.32
N GLU B 209 -20.84 -25.33 23.51
CA GLU B 209 -22.07 -25.10 22.77
C GLU B 209 -21.89 -25.36 21.28
N SER B 221 -17.66 -16.17 14.50
CA SER B 221 -17.69 -16.93 15.74
C SER B 221 -16.96 -18.25 15.59
N THR B 222 -17.19 -18.92 14.45
CA THR B 222 -16.52 -20.19 14.20
C THR B 222 -15.07 -19.95 13.78
N LEU B 223 -14.86 -19.22 12.68
CA LEU B 223 -13.52 -18.94 12.19
C LEU B 223 -12.57 -18.57 13.32
N ILE B 224 -12.95 -17.57 14.12
CA ILE B 224 -12.07 -17.05 15.15
C ILE B 224 -11.62 -18.16 16.10
N MET B 225 -12.55 -19.01 16.55
CA MET B 225 -12.12 -20.05 17.48
C MET B 225 -11.13 -20.98 16.79
N GLN B 226 -11.43 -21.38 15.55
CA GLN B 226 -10.48 -22.13 14.76
C GLN B 226 -9.15 -21.41 14.69
N LEU B 227 -9.19 -20.08 14.51
CA LEU B 227 -7.98 -19.26 14.57
C LEU B 227 -7.19 -19.56 15.84
N LEU B 228 -7.81 -19.31 16.99
CA LEU B 228 -7.21 -19.73 18.26
C LEU B 228 -6.77 -21.18 18.18
N ARG B 229 -7.71 -22.04 17.76
CA ARG B 229 -7.41 -23.47 17.62
C ARG B 229 -6.24 -23.69 16.65
N ASP B 230 -6.22 -22.96 15.53
CA ASP B 230 -5.12 -23.13 14.58
C ASP B 230 -3.78 -22.76 15.20
N ASN B 231 -3.78 -21.85 16.18
CA ASN B 231 -2.54 -21.52 16.86
C ASN B 231 -2.06 -22.72 17.69
N LEU B 232 -3.00 -23.40 18.35
CA LEU B 232 -2.65 -24.54 19.21
C LEU B 232 -1.83 -25.58 18.45
N THR B 233 -2.39 -26.13 17.38
CA THR B 233 -1.67 -27.12 16.59
C THR B 233 -0.41 -26.55 15.94
N LEU B 234 -0.25 -25.24 15.89
CA LEU B 234 0.98 -24.66 15.37
C LEU B 234 2.08 -24.61 16.42
N TRP B 235 1.72 -24.67 17.71
CA TRP B 235 2.69 -24.64 18.79
C TRP B 235 2.97 -26.03 19.37
N THR B 236 2.01 -26.95 19.28
CA THR B 236 2.23 -28.31 19.75
C THR B 236 3.07 -29.10 18.76
N ARG C 1 -6.49 -8.49 -17.85
CA ARG C 1 -6.63 -7.58 -16.73
C ARG C 1 -6.58 -6.13 -17.21
N LYS C 2 -5.57 -5.40 -16.74
CA LYS C 2 -5.34 -4.04 -17.20
C LYS C 2 -4.73 -4.07 -18.60
N LEU C 3 -5.17 -3.15 -19.46
CA LEU C 3 -4.73 -3.12 -20.84
C LEU C 3 -3.27 -2.74 -20.96
N SEP C 4 -2.85 -1.74 -20.18
CA SEP C 4 -1.46 -1.30 -20.18
CB SEP C 4 -1.33 0.05 -19.47
OG SEP C 4 -1.61 -0.08 -18.09
C SEP C 4 -0.55 -2.32 -19.52
O SEP C 4 -1.01 -3.32 -18.98
P SEP C 4 -0.97 1.14 -17.27
O1P SEP C 4 -0.86 0.76 -15.71
O2P SEP C 4 -1.92 2.44 -17.43
O3P SEP C 4 0.49 1.48 -17.86
N LEU C 5 0.76 -2.06 -19.57
CA LEU C 5 1.74 -2.95 -18.96
C LEU C 5 1.77 -2.75 -17.44
N GLN C 6 1.28 -3.75 -16.71
CA GLN C 6 1.27 -3.70 -15.25
C GLN C 6 2.70 -3.86 -14.75
N GLU C 7 3.35 -2.73 -14.47
CA GLU C 7 4.76 -2.73 -14.08
C GLU C 7 4.94 -2.80 -12.56
N ARG C 8 4.29 -3.79 -11.95
CA ARG C 8 4.32 -3.98 -10.49
C ARG C 8 3.98 -2.69 -9.75
N LYS D 2 -0.24 -14.30 9.95
CA LYS D 2 -0.48 -13.61 11.21
C LYS D 2 -1.14 -14.54 12.23
N LEU D 3 -0.95 -14.25 13.51
CA LEU D 3 -1.33 -15.19 14.57
C LEU D 3 -2.41 -14.64 15.51
N SEP D 4 -2.60 -13.33 15.51
CA SEP D 4 -3.61 -12.70 16.38
CB SEP D 4 -3.20 -11.26 16.71
OG SEP D 4 -2.91 -10.51 15.54
C SEP D 4 -4.99 -12.72 15.73
O SEP D 4 -5.37 -13.70 15.09
P SEP D 4 -2.02 -9.22 15.88
O1P SEP D 4 -0.46 -9.56 15.66
O2P SEP D 4 -2.45 -8.02 14.90
O3P SEP D 4 -2.25 -8.78 17.42
N LEU D 5 -5.75 -11.63 15.89
CA LEU D 5 -7.03 -11.48 15.21
C LEU D 5 -6.93 -10.36 14.19
N GLN D 6 -7.04 -10.69 12.92
CA GLN D 6 -6.73 -9.78 11.83
C GLN D 6 -7.98 -9.08 11.30
N GLU D 7 -7.73 -7.99 10.56
CA GLU D 7 -8.73 -7.10 9.97
C GLU D 7 -9.93 -6.86 10.89
N ARG D 8 -9.66 -6.75 12.19
CA ARG D 8 -10.68 -6.41 13.18
C ARG D 8 -10.03 -6.18 14.55
C1 FSC E . 10.34 -4.45 -16.35
C4 FSC E . 9.49 -5.52 -15.69
C11 FSC E . 9.12 -6.80 -16.44
C18 FSC E . 8.11 -6.47 -17.53
C17 FSC E . 8.51 -7.82 -15.46
O24 FSC E . 9.44 -8.88 -15.25
C31 FSC E . 8.84 -10.18 -15.13
O37 FSC E . 7.70 -10.27 -14.81
C36 FSC E . 9.65 -11.46 -15.44
C10 FSC E . 8.59 -4.97 -14.78
C6 FSC E . 9.18 -3.48 -14.49
O13 FSC E . 8.25 -2.63 -14.45
C2 FSC E . 10.18 -3.19 -15.74
C7 FSC E . 11.55 -2.67 -15.19
C5 FSC E . 9.57 -2.14 -16.68
C12 FSC E . 10.08 -1.99 -18.13
C20 FSC E . 9.47 -0.78 -19.12
C27 FSC E . 10.16 0.53 -18.82
O32 FSC E . 9.26 1.39 -18.16
C38 FSC E . 9.77 2.69 -17.95
C26 FSC E . 9.73 -1.16 -20.42
C25 FSC E . 9.72 -2.76 -20.39
C19 FSC E . 10.26 -3.13 -18.92
C15 FSC E . 11.77 -3.58 -19.01
C23 FSC E . 12.65 -2.50 -18.43
C9 FSC E . 12.04 -4.89 -18.27
O16 FSC E . 13.39 -5.27 -18.52
C3 FSC E . 11.85 -4.77 -16.76
O8 FSC E . 12.22 -5.99 -16.16
C14 FSC E . 13.49 -5.85 -15.60
O22 FSC E . 13.46 -4.79 -14.56
C30 FSC E . 12.65 -5.18 -13.39
C33 FSC E . 13.06 -6.53 -12.82
O39 FSC E . 12.11 -6.91 -11.81
C28 FSC E . 13.10 -7.59 -13.85
O34 FSC E . 13.67 -8.81 -13.26
C40 FSC E . 12.70 -9.70 -12.76
O43 FSC E . 11.68 -9.84 -13.32
C42 FSC E . 12.99 -10.50 -11.49
C21 FSC E . 13.92 -7.20 -15.02
O29 FSC E . 13.80 -8.20 -16.04
C35 FSC E . 12.81 -4.11 -12.32
O41 FSC E . 12.50 -4.67 -11.03
C44 FSC E . 13.38 -4.23 -9.95
C47 FSC E . 12.83 -4.70 -8.60
C46 FSC E . 13.47 -2.70 -9.97
C45 FSC E . 14.79 -4.82 -10.16
C48 FSC E . 15.75 -4.07 -10.70
#